data_7K2N
#
_entry.id   7K2N
#
_cell.length_a   162.079
_cell.length_b   68.739
_cell.length_c   77.014
_cell.angle_alpha   90.000
_cell.angle_beta   117.658
_cell.angle_gamma   90.000
#
_symmetry.space_group_name_H-M   'C 1 2 1'
#
loop_
_entity.id
_entity.type
_entity.pdbx_description
1 polymer 'Kelch-like ECH-associated protein 1'
2 polymer (BAL)DPETGE
3 non-polymer 'SULFATE ION'
4 water water
#
loop_
_entity_poly.entity_id
_entity_poly.type
_entity_poly.pdbx_seq_one_letter_code
_entity_poly.pdbx_strand_id
1 'polypeptide(L)'
;VGRLIYTAGGYFRQSLSYLEAYNPSDGTWLRLADLQVPRSGLAGCVVGGLLYAVGGRNNSPDGNTDSSALDCYNPMTNQW
SPCAPMSVPRNRIGVGVIDGHIYAVGGSHGCIHHNSVERYEPERDEWHLVAPMLTRRIGVGVAVLNRLLYAVGGFDGTNR
LNSAECYYPERNEWRMITAMNTIRSGAGVCVLHNCIYAAGGYDGQDQLNSVERYDVETETWTFVAPMKHRRSALGITVHQ
GRIYVLGGYDGHTFLDSVECYDPDTDTWSEVTRMTSGRSGVGVAVTMEPSRKQIDQQNCTC
;
A,B
2 'polypeptide(L)' (BAL)DPETGE P
#
# COMPACT_ATOMS: atom_id res chain seq x y z
N LEU A 4 16.35 -5.44 9.85
CA LEU A 4 17.28 -5.10 8.79
C LEU A 4 17.18 -6.11 7.66
N ILE A 5 18.14 -6.17 6.74
CA ILE A 5 18.08 -7.17 5.69
C ILE A 5 18.67 -8.44 6.25
N TYR A 6 17.80 -9.38 6.60
CA TYR A 6 18.22 -10.69 7.08
C TYR A 6 18.25 -11.72 5.95
N THR A 7 18.99 -12.80 6.19
CA THR A 7 19.08 -13.91 5.26
C THR A 7 19.12 -15.19 6.10
N ALA A 8 18.01 -15.92 6.14
CA ALA A 8 17.95 -17.16 6.90
C ALA A 8 18.20 -18.34 5.98
N GLY A 9 18.87 -19.35 6.51
CA GLY A 9 19.11 -20.54 5.72
C GLY A 9 20.05 -20.31 4.54
N GLY A 10 19.95 -21.20 3.57
CA GLY A 10 20.81 -21.15 2.42
C GLY A 10 21.59 -22.43 2.27
N TYR A 11 22.49 -22.42 1.29
CA TYR A 11 23.22 -23.62 0.95
C TYR A 11 24.58 -23.22 0.43
N PHE A 12 25.63 -23.74 1.07
CA PHE A 12 27.00 -23.65 0.56
C PHE A 12 27.64 -25.00 0.88
N ARG A 13 27.48 -25.96 -0.02
CA ARG A 13 27.94 -27.35 0.06
C ARG A 13 27.10 -28.19 1.02
N GLN A 14 26.19 -27.57 1.78
CA GLN A 14 25.22 -28.20 2.67
C GLN A 14 24.22 -27.12 3.06
N SER A 15 23.04 -27.54 3.49
CA SER A 15 22.05 -26.59 3.95
C SER A 15 22.53 -25.89 5.22
N LEU A 16 22.17 -24.62 5.34
CA LEU A 16 22.75 -23.70 6.32
C LEU A 16 21.79 -23.42 7.47
N SER A 17 22.36 -23.13 8.63
CA SER A 17 21.64 -22.66 9.79
C SER A 17 21.72 -21.15 9.99
N TYR A 18 22.59 -20.49 9.21
CA TYR A 18 22.90 -19.07 9.40
C TYR A 18 21.65 -18.21 9.49
N LEU A 19 21.70 -17.22 10.38
CA LEU A 19 20.76 -16.10 10.39
C LEU A 19 21.58 -14.85 10.54
N GLU A 20 21.46 -13.93 9.59
CA GLU A 20 22.32 -12.76 9.53
C GLU A 20 21.51 -11.57 9.10
N ALA A 21 22.01 -10.38 9.42
CA ALA A 21 21.41 -9.11 9.03
C ALA A 21 22.39 -8.35 8.15
N TYR A 22 21.88 -7.40 7.37
CA TYR A 22 22.77 -6.47 6.66
C TYR A 22 22.12 -5.10 6.55
N ASN A 23 22.69 -4.12 7.25
CA ASN A 23 22.11 -2.85 6.83
C ASN A 23 23.07 -2.08 5.91
N PRO A 24 22.47 -1.42 4.91
CA PRO A 24 23.24 -0.52 4.03
C PRO A 24 23.46 0.87 4.60
N SER A 25 22.71 1.31 5.63
CA SER A 25 22.99 2.60 6.26
C SER A 25 24.17 2.55 7.21
N ASP A 26 24.55 1.37 7.67
CA ASP A 26 25.72 1.20 8.50
C ASP A 26 26.79 0.32 7.86
N GLY A 27 26.46 -0.36 6.76
CA GLY A 27 27.36 -1.31 6.12
C GLY A 27 27.94 -2.39 7.01
N THR A 28 27.09 -3.17 7.71
CA THR A 28 27.57 -4.29 8.53
C THR A 28 26.42 -5.18 8.97
N TRP A 29 26.79 -6.35 9.51
CA TRP A 29 25.93 -7.50 9.72
C TRP A 29 25.79 -7.86 11.20
N LEU A 30 24.58 -8.26 11.61
CA LEU A 30 24.28 -8.71 12.96
C LEU A 30 23.84 -10.17 12.90
N ARG A 31 24.52 -11.04 13.64
CA ARG A 31 24.23 -12.48 13.66
C ARG A 31 23.35 -12.83 14.86
N LEU A 32 22.42 -13.77 14.66
CA LEU A 32 21.48 -14.14 15.71
C LEU A 32 21.26 -15.65 15.76
N ALA A 33 20.23 -16.10 16.51
CA ALA A 33 20.02 -17.52 16.78
C ALA A 33 19.90 -18.31 15.49
N ASP A 34 20.88 -19.18 15.27
CA ASP A 34 20.87 -20.14 14.18
C ASP A 34 19.50 -20.79 14.06
N LEU A 35 19.11 -21.08 12.83
CA LEU A 35 17.94 -21.91 12.59
C LEU A 35 18.03 -23.17 13.45
N GLN A 36 16.89 -23.61 13.96
CA GLN A 36 16.80 -24.90 14.63
C GLN A 36 17.27 -26.05 13.74
N VAL A 37 16.62 -26.19 12.59
CA VAL A 37 16.94 -27.20 11.59
C VAL A 37 17.57 -26.48 10.41
N PRO A 38 18.72 -26.92 9.92
CA PRO A 38 19.27 -26.28 8.72
C PRO A 38 18.27 -26.41 7.57
N ARG A 39 18.28 -25.39 6.69
CA ARG A 39 17.28 -25.25 5.63
C ARG A 39 17.89 -24.54 4.43
N SER A 40 17.60 -25.05 3.24
CA SER A 40 17.81 -24.33 1.99
C SER A 40 16.55 -24.46 1.15
N GLY A 41 16.40 -23.57 0.17
CA GLY A 41 15.16 -23.50 -0.61
C GLY A 41 13.94 -23.09 0.20
N LEU A 42 14.15 -22.36 1.29
CA LEU A 42 13.10 -21.84 2.16
C LEU A 42 12.61 -20.48 1.64
N ALA A 43 11.56 -19.97 2.24
CA ALA A 43 11.22 -18.56 2.05
C ALA A 43 11.05 -17.89 3.41
N GLY A 44 11.38 -16.60 3.45
CA GLY A 44 11.23 -15.78 4.63
C GLY A 44 10.19 -14.70 4.44
N CYS A 45 9.49 -14.36 5.53
CA CYS A 45 8.51 -13.29 5.51
C CYS A 45 8.55 -12.60 6.87
N VAL A 46 7.74 -11.56 7.01
CA VAL A 46 7.59 -10.82 8.25
C VAL A 46 6.12 -10.54 8.46
N VAL A 47 5.59 -11.04 9.56
CA VAL A 47 4.21 -10.79 9.95
C VAL A 47 4.20 -10.37 11.40
N GLY A 48 3.56 -9.23 11.67
CA GLY A 48 3.54 -8.66 13.01
C GLY A 48 4.91 -8.63 13.62
N GLY A 49 5.88 -8.11 12.87
CA GLY A 49 7.24 -8.03 13.35
C GLY A 49 8.04 -9.31 13.27
N LEU A 50 7.40 -10.47 13.44
CA LEU A 50 8.16 -11.71 13.60
C LEU A 50 8.54 -12.28 12.24
N LEU A 51 9.81 -12.66 12.11
CA LEU A 51 10.40 -13.22 10.89
C LEU A 51 10.10 -14.71 10.80
N TYR A 52 9.32 -15.12 9.81
CA TYR A 52 8.94 -16.52 9.67
C TYR A 52 9.80 -17.22 8.62
N ALA A 53 10.04 -18.51 8.85
CA ALA A 53 10.77 -19.37 7.92
C ALA A 53 9.85 -20.52 7.53
N VAL A 54 9.59 -20.64 6.22
CA VAL A 54 8.63 -21.61 5.70
C VAL A 54 9.31 -22.56 4.73
N GLY A 55 8.96 -23.84 4.83
CA GLY A 55 9.44 -24.94 4.00
C GLY A 55 10.94 -25.02 3.86
N GLY A 56 11.37 -25.53 2.70
CA GLY A 56 12.77 -25.74 2.41
C GLY A 56 13.12 -27.22 2.51
N ARG A 57 14.41 -27.48 2.68
CA ARG A 57 14.84 -28.84 2.97
C ARG A 57 16.21 -28.81 3.62
N ASN A 58 16.53 -29.90 4.31
CA ASN A 58 17.85 -30.06 4.94
C ASN A 58 18.63 -31.04 4.08
N ASN A 59 19.49 -30.49 3.23
CA ASN A 59 20.37 -31.24 2.34
C ASN A 59 21.73 -31.30 3.02
N SER A 60 22.02 -32.42 3.67
CA SER A 60 23.18 -32.62 4.52
C SER A 60 23.97 -33.84 4.05
N PRO A 61 25.15 -34.09 4.63
CA PRO A 61 25.88 -35.32 4.27
C PRO A 61 25.16 -36.60 4.67
N ASP A 62 24.07 -36.51 5.42
CA ASP A 62 23.38 -37.66 5.99
C ASP A 62 21.91 -37.73 5.63
N GLY A 63 21.43 -36.86 4.76
CA GLY A 63 20.02 -36.89 4.40
C GLY A 63 19.67 -35.74 3.49
N ASN A 64 18.40 -35.72 3.10
CA ASN A 64 17.90 -34.72 2.16
C ASN A 64 16.39 -34.57 2.40
N THR A 65 16.02 -34.00 3.52
CA THR A 65 14.64 -34.07 3.99
C THR A 65 13.90 -32.79 3.63
N ASP A 66 12.85 -32.92 2.82
CA ASP A 66 11.98 -31.78 2.54
C ASP A 66 11.25 -31.35 3.81
N SER A 67 11.13 -30.05 4.03
CA SER A 67 10.62 -29.52 5.30
C SER A 67 9.16 -29.09 5.17
N SER A 68 8.28 -29.79 5.89
CA SER A 68 6.91 -29.42 6.17
C SER A 68 6.79 -28.27 7.15
N ALA A 69 7.89 -27.74 7.67
CA ALA A 69 7.84 -27.00 8.92
C ALA A 69 7.76 -25.51 8.71
N LEU A 70 7.04 -24.84 9.61
CA LEU A 70 7.05 -23.39 9.72
C LEU A 70 7.59 -23.00 11.08
N ASP A 71 8.62 -22.17 11.10
CA ASP A 71 9.25 -21.77 12.35
C ASP A 71 9.31 -20.25 12.45
N CYS A 72 9.29 -19.76 13.69
CA CYS A 72 8.96 -18.38 14.00
C CYS A 72 10.06 -17.77 14.86
N TYR A 73 10.61 -16.66 14.40
CA TYR A 73 11.65 -15.97 15.14
C TYR A 73 11.12 -14.65 15.67
N ASN A 74 11.55 -14.31 16.88
CA ASN A 74 11.08 -13.16 17.65
C ASN A 74 12.24 -12.20 17.88
N PRO A 75 12.29 -11.02 17.25
CA PRO A 75 13.54 -10.23 17.27
C PRO A 75 13.95 -9.67 18.63
N MET A 76 13.06 -9.57 19.62
CA MET A 76 13.47 -9.20 20.98
C MET A 76 13.31 -10.34 21.98
N THR A 77 12.62 -11.41 21.62
CA THR A 77 12.72 -12.68 22.33
C THR A 77 13.93 -13.48 21.86
N ASN A 78 14.46 -13.17 20.68
CA ASN A 78 15.46 -13.98 19.97
C ASN A 78 15.28 -15.48 20.26
N GLN A 79 14.07 -15.99 20.06
CA GLN A 79 13.89 -17.43 20.11
C GLN A 79 13.04 -17.90 18.94
N TRP A 80 13.45 -19.02 18.36
CA TRP A 80 12.64 -19.74 17.42
C TRP A 80 11.64 -20.58 18.21
N SER A 81 10.45 -20.72 17.66
CA SER A 81 9.51 -21.63 18.27
C SER A 81 8.78 -22.28 17.11
N PRO A 82 8.51 -23.57 17.16
CA PRO A 82 7.80 -24.21 16.04
C PRO A 82 6.35 -23.74 15.98
N CYS A 83 5.91 -23.38 14.77
CA CYS A 83 4.52 -23.15 14.45
C CYS A 83 4.04 -24.25 13.52
N ALA A 84 2.86 -24.81 13.81
CA ALA A 84 2.38 -26.07 13.25
C ALA A 84 2.83 -26.30 11.82
N PRO A 85 3.27 -27.53 11.49
CA PRO A 85 3.76 -27.81 10.13
C PRO A 85 2.72 -27.66 9.03
N MET A 86 3.16 -27.64 7.77
CA MET A 86 2.28 -27.44 6.63
C MET A 86 1.58 -28.74 6.27
N SER A 87 0.61 -28.63 5.37
CA SER A 87 0.00 -29.78 4.71
C SER A 87 1.05 -30.81 4.27
N VAL A 88 2.10 -30.36 3.59
CA VAL A 88 3.09 -31.23 2.96
C VAL A 88 4.45 -30.55 3.06
N PRO A 89 5.56 -31.25 2.84
CA PRO A 89 6.85 -30.55 2.77
C PRO A 89 6.94 -29.80 1.46
N ARG A 90 7.62 -28.65 1.50
CA ARG A 90 7.71 -27.76 0.34
C ARG A 90 9.14 -27.28 0.18
N ASN A 91 9.94 -28.00 -0.60
CA ASN A 91 11.22 -27.45 -1.01
C ASN A 91 11.00 -26.45 -2.14
N ARG A 92 11.81 -25.39 -2.15
CA ARG A 92 11.73 -24.37 -3.19
C ARG A 92 10.33 -23.76 -3.21
N ILE A 93 9.89 -23.38 -2.00
CA ILE A 93 8.58 -22.81 -1.75
C ILE A 93 8.57 -21.33 -2.13
N GLY A 94 7.38 -20.79 -2.32
CA GLY A 94 7.19 -19.35 -2.39
C GLY A 94 6.15 -18.93 -1.37
N VAL A 95 6.35 -17.74 -0.78
CA VAL A 95 5.46 -17.24 0.25
C VAL A 95 5.04 -15.80 -0.05
N GLY A 96 3.80 -15.48 0.32
CA GLY A 96 3.35 -14.11 0.31
C GLY A 96 2.59 -13.78 1.59
N VAL A 97 2.47 -12.49 1.86
CA VAL A 97 1.79 -12.00 3.06
C VAL A 97 0.62 -11.11 2.64
N ILE A 98 -0.58 -11.57 2.92
CA ILE A 98 -1.80 -10.77 2.80
C ILE A 98 -2.40 -10.70 4.20
N ASP A 99 -2.67 -9.47 4.68
CA ASP A 99 -3.55 -9.31 5.84
C ASP A 99 -2.89 -9.89 7.09
N GLY A 100 -1.56 -9.83 7.14
CA GLY A 100 -0.82 -10.54 8.16
C GLY A 100 -1.03 -12.04 8.17
N HIS A 101 -1.49 -12.62 7.06
CA HIS A 101 -1.58 -14.06 6.91
C HIS A 101 -0.59 -14.50 5.82
N ILE A 102 -0.06 -15.70 5.98
CA ILE A 102 1.01 -16.21 5.12
C ILE A 102 0.44 -17.30 4.22
N TYR A 103 0.66 -17.16 2.92
CA TYR A 103 0.32 -18.19 1.95
C TYR A 103 1.59 -18.94 1.57
N ALA A 104 1.52 -20.26 1.61
CA ALA A 104 2.63 -21.12 1.21
C ALA A 104 2.28 -21.72 -0.15
N VAL A 105 3.13 -21.46 -1.13
CA VAL A 105 2.80 -21.73 -2.52
C VAL A 105 3.75 -22.78 -3.08
N GLY A 106 3.18 -23.87 -3.58
CA GLY A 106 3.94 -24.79 -4.42
C GLY A 106 5.08 -25.45 -3.68
N GLY A 107 6.24 -25.53 -4.35
CA GLY A 107 7.36 -26.29 -3.85
C GLY A 107 7.23 -27.77 -4.18
N SER A 108 8.29 -28.53 -3.88
CA SER A 108 8.31 -29.96 -4.16
C SER A 108 8.42 -30.77 -2.88
N HIS A 109 8.05 -32.03 -3.02
CA HIS A 109 8.36 -33.08 -2.03
C HIS A 109 8.80 -34.30 -2.81
N GLY A 110 10.11 -34.58 -2.81
CA GLY A 110 10.61 -35.66 -3.65
C GLY A 110 10.32 -35.35 -5.10
N CYS A 111 9.76 -36.34 -5.82
CA CYS A 111 9.33 -36.17 -7.19
C CYS A 111 8.10 -35.28 -7.33
N ILE A 112 7.31 -35.08 -6.28
CA ILE A 112 6.04 -34.39 -6.44
C ILE A 112 6.29 -32.89 -6.52
N HIS A 113 5.81 -32.27 -7.60
CA HIS A 113 5.83 -30.82 -7.77
C HIS A 113 4.42 -30.28 -7.46
N HIS A 114 4.32 -29.48 -6.38
CA HIS A 114 3.03 -29.06 -5.84
C HIS A 114 2.39 -27.96 -6.70
N ASN A 115 1.08 -28.06 -6.90
CA ASN A 115 0.26 -26.88 -7.16
C ASN A 115 -0.42 -26.40 -5.89
N SER A 116 -0.37 -27.23 -4.84
CA SER A 116 -1.04 -26.96 -3.57
C SER A 116 -0.66 -25.59 -3.02
N VAL A 117 -1.64 -24.94 -2.41
CA VAL A 117 -1.43 -23.69 -1.69
C VAL A 117 -2.15 -23.82 -0.35
N GLU A 118 -1.61 -23.18 0.67
CA GLU A 118 -2.25 -23.18 1.99
C GLU A 118 -1.87 -21.91 2.72
N ARG A 119 -2.68 -21.56 3.72
CA ARG A 119 -2.52 -20.30 4.44
C ARG A 119 -2.32 -20.54 5.93
N TYR A 120 -1.46 -19.72 6.53
CA TYR A 120 -1.12 -19.75 7.94
C TYR A 120 -1.67 -18.51 8.64
N GLU A 121 -2.08 -18.66 9.89
CA GLU A 121 -2.68 -17.57 10.68
C GLU A 121 -1.88 -17.30 11.94
N PRO A 122 -1.10 -16.22 11.98
CA PRO A 122 -0.15 -16.01 13.10
C PRO A 122 -0.79 -15.82 14.47
N GLU A 123 -2.02 -15.31 14.54
CA GLU A 123 -2.69 -15.27 15.84
C GLU A 123 -3.10 -16.65 16.30
N ARG A 124 -3.29 -17.58 15.36
CA ARG A 124 -3.91 -18.87 15.65
C ARG A 124 -2.96 -20.05 15.54
N ASP A 125 -1.87 -19.94 14.78
CA ASP A 125 -0.92 -21.02 14.60
C ASP A 125 -1.60 -22.23 13.95
N GLU A 126 -2.15 -22.03 12.75
CA GLU A 126 -2.88 -23.07 12.04
C GLU A 126 -2.61 -22.93 10.55
N TRP A 127 -2.62 -24.05 9.83
CA TRP A 127 -2.53 -24.09 8.38
C TRP A 127 -3.84 -24.62 7.82
N HIS A 128 -4.33 -23.97 6.78
CA HIS A 128 -5.58 -24.40 6.17
C HIS A 128 -5.42 -24.47 4.66
N LEU A 129 -5.68 -25.65 4.12
CA LEU A 129 -5.67 -25.89 2.68
C LEU A 129 -6.51 -24.83 1.99
N VAL A 130 -6.05 -24.36 0.82
CA VAL A 130 -6.84 -23.46 -0.02
C VAL A 130 -6.84 -23.96 -1.45
N ALA A 131 -7.26 -23.10 -2.36
CA ALA A 131 -7.44 -23.46 -3.75
C ALA A 131 -6.08 -23.65 -4.43
N PRO A 132 -5.86 -24.74 -5.15
CA PRO A 132 -4.56 -24.95 -5.78
C PRO A 132 -4.37 -24.10 -7.02
N MET A 133 -3.10 -23.78 -7.30
CA MET A 133 -2.71 -23.10 -8.52
C MET A 133 -3.18 -23.87 -9.74
N LEU A 134 -3.18 -23.18 -10.89
CA LEU A 134 -3.41 -23.83 -12.17
C LEU A 134 -2.19 -24.62 -12.63
N THR A 135 -1.02 -24.33 -12.08
CA THR A 135 0.24 -24.88 -12.53
C THR A 135 1.02 -25.42 -11.34
N ARG A 136 1.63 -26.58 -11.50
CA ARG A 136 2.62 -27.03 -10.52
C ARG A 136 3.84 -26.15 -10.62
N ARG A 137 4.32 -25.64 -9.48
CA ARG A 137 5.40 -24.66 -9.49
C ARG A 137 6.33 -24.90 -8.30
N ILE A 138 7.59 -25.18 -8.58
CA ILE A 138 8.65 -25.10 -7.59
C ILE A 138 9.60 -24.02 -8.04
N GLY A 139 10.37 -23.49 -7.09
CA GLY A 139 11.13 -22.31 -7.41
C GLY A 139 10.25 -21.16 -7.86
N VAL A 140 8.97 -21.19 -7.46
CA VAL A 140 8.03 -20.13 -7.81
C VAL A 140 8.34 -18.90 -6.98
N GLY A 141 8.26 -17.72 -7.61
CA GLY A 141 8.36 -16.45 -6.92
C GLY A 141 6.98 -15.90 -6.62
N VAL A 142 6.85 -15.25 -5.47
CA VAL A 142 5.54 -14.85 -4.99
C VAL A 142 5.59 -13.37 -4.60
N ALA A 143 4.50 -12.65 -4.87
CA ALA A 143 4.46 -11.22 -4.63
C ALA A 143 3.05 -10.82 -4.21
N VAL A 144 2.96 -9.65 -3.59
CA VAL A 144 1.72 -9.10 -3.07
C VAL A 144 1.53 -7.72 -3.70
N LEU A 145 0.39 -7.53 -4.36
CA LEU A 145 0.03 -6.22 -4.88
C LEU A 145 -1.46 -6.03 -4.71
N ASN A 146 -1.84 -4.91 -4.09
CA ASN A 146 -3.24 -4.57 -3.82
C ASN A 146 -3.97 -5.73 -3.15
N ARG A 147 -3.29 -6.33 -2.16
CA ARG A 147 -3.79 -7.50 -1.45
C ARG A 147 -4.27 -8.59 -2.41
N LEU A 148 -3.60 -8.67 -3.57
CA LEU A 148 -3.65 -9.82 -4.47
C LEU A 148 -2.33 -10.57 -4.39
N LEU A 149 -2.40 -11.89 -4.55
CA LEU A 149 -1.24 -12.76 -4.44
C LEU A 149 -0.86 -13.33 -5.81
N TYR A 150 0.37 -13.07 -6.23
CA TYR A 150 0.86 -13.47 -7.54
C TYR A 150 1.90 -14.60 -7.39
N ALA A 151 1.69 -15.70 -8.12
CA ALA A 151 2.65 -16.77 -8.28
C ALA A 151 3.32 -16.61 -9.63
N VAL A 152 4.64 -16.49 -9.65
CA VAL A 152 5.38 -16.06 -10.82
C VAL A 152 6.49 -17.06 -11.10
N GLY A 153 6.54 -17.56 -12.34
CA GLY A 153 7.64 -18.37 -12.79
C GLY A 153 7.68 -19.73 -12.12
N GLY A 154 8.86 -20.31 -12.10
CA GLY A 154 9.02 -21.58 -11.45
C GLY A 154 9.26 -22.71 -12.44
N PHE A 155 8.96 -23.93 -11.98
CA PHE A 155 9.31 -25.16 -12.66
C PHE A 155 8.22 -26.18 -12.34
N ASP A 156 7.60 -26.78 -13.37
CA ASP A 156 6.55 -27.76 -13.12
C ASP A 156 7.07 -29.21 -13.05
N GLY A 157 8.38 -29.41 -13.14
CA GLY A 157 8.98 -30.73 -13.18
C GLY A 157 9.48 -31.10 -14.55
N THR A 158 9.05 -30.39 -15.58
CA THR A 158 9.47 -30.66 -16.93
C THR A 158 9.87 -29.35 -17.61
N ASN A 159 9.03 -28.31 -17.49
CA ASN A 159 9.28 -27.05 -18.15
C ASN A 159 9.53 -25.94 -17.13
N ARG A 160 10.46 -25.04 -17.45
CA ARG A 160 10.57 -23.79 -16.72
C ARG A 160 9.55 -22.83 -17.31
N LEU A 161 9.10 -21.90 -16.48
CA LEU A 161 7.86 -21.18 -16.68
C LEU A 161 8.12 -19.68 -16.77
N ASN A 162 7.48 -19.05 -17.76
CA ASN A 162 7.30 -17.62 -17.77
C ASN A 162 5.87 -17.24 -17.43
N SER A 163 5.01 -18.22 -17.19
CA SER A 163 3.64 -17.88 -16.84
C SER A 163 3.57 -17.31 -15.42
N ALA A 164 2.51 -16.56 -15.18
CA ALA A 164 2.17 -16.05 -13.86
C ALA A 164 0.67 -16.16 -13.70
N GLU A 165 0.24 -16.31 -12.45
CA GLU A 165 -1.17 -16.47 -12.15
C GLU A 165 -1.47 -15.76 -10.85
N CYS A 166 -2.71 -15.31 -10.73
CA CYS A 166 -3.15 -14.40 -9.69
C CYS A 166 -4.13 -15.14 -8.80
N TYR A 167 -3.97 -14.95 -7.49
CA TYR A 167 -4.88 -15.49 -6.50
C TYR A 167 -5.76 -14.35 -5.96
N TYR A 168 -7.06 -14.49 -6.10
CA TYR A 168 -8.01 -13.55 -5.53
C TYR A 168 -8.55 -14.13 -4.24
N PRO A 169 -8.20 -13.58 -3.08
CA PRO A 169 -8.46 -14.31 -1.82
C PRO A 169 -9.93 -14.40 -1.47
N GLU A 170 -10.70 -13.36 -1.76
CA GLU A 170 -12.11 -13.34 -1.37
C GLU A 170 -13.02 -13.99 -2.40
N ARG A 171 -12.47 -14.43 -3.53
CA ARG A 171 -13.14 -15.41 -4.37
C ARG A 171 -12.45 -16.77 -4.33
N ASN A 172 -11.28 -16.86 -3.70
CA ASN A 172 -10.49 -18.09 -3.61
C ASN A 172 -10.31 -18.74 -4.99
N GLU A 173 -9.71 -17.95 -5.89
CA GLU A 173 -9.51 -18.35 -7.27
C GLU A 173 -8.11 -18.00 -7.75
N TRP A 174 -7.67 -18.77 -8.75
CA TRP A 174 -6.46 -18.52 -9.51
C TRP A 174 -6.85 -18.27 -10.96
N ARG A 175 -6.35 -17.17 -11.52
CA ARG A 175 -6.50 -16.89 -12.93
C ARG A 175 -5.14 -16.52 -13.50
N MET A 176 -4.85 -17.10 -14.66
CA MET A 176 -3.62 -16.82 -15.38
C MET A 176 -3.61 -15.37 -15.84
N ILE A 177 -2.44 -14.75 -15.82
CA ILE A 177 -2.35 -13.38 -16.29
C ILE A 177 -1.35 -13.39 -17.44
N THR A 178 -0.86 -12.22 -17.84
CA THR A 178 0.15 -12.14 -18.89
C THR A 178 1.46 -12.77 -18.43
N ALA A 179 2.04 -13.61 -19.29
CA ALA A 179 3.32 -14.23 -19.02
C ALA A 179 4.43 -13.20 -19.08
N MET A 180 5.51 -13.48 -18.36
CA MET A 180 6.70 -12.65 -18.45
C MET A 180 7.33 -12.75 -19.84
N ASN A 181 8.23 -11.82 -20.13
CA ASN A 181 9.00 -11.93 -21.36
C ASN A 181 10.05 -13.03 -21.27
N THR A 182 10.61 -13.26 -20.09
CA THR A 182 11.64 -14.29 -19.91
C THR A 182 11.10 -15.45 -19.08
N ILE A 183 11.48 -16.66 -19.47
CA ILE A 183 11.26 -17.82 -18.62
C ILE A 183 12.17 -17.74 -17.40
N ARG A 184 11.59 -17.95 -16.21
CA ARG A 184 12.30 -17.75 -14.94
C ARG A 184 11.89 -18.79 -13.91
N SER A 185 12.84 -19.59 -13.47
CA SER A 185 12.65 -20.44 -12.29
C SER A 185 13.70 -20.06 -11.27
N GLY A 186 13.31 -20.07 -9.99
CA GLY A 186 14.24 -19.57 -8.97
C GLY A 186 14.75 -18.17 -9.26
N ALA A 187 13.86 -17.30 -9.72
CA ALA A 187 14.14 -15.87 -9.80
C ALA A 187 13.82 -15.21 -8.47
N GLY A 188 14.33 -14.00 -8.30
CA GLY A 188 13.92 -13.20 -7.16
C GLY A 188 12.73 -12.34 -7.50
N VAL A 189 11.62 -12.54 -6.80
CA VAL A 189 10.38 -11.82 -7.11
C VAL A 189 10.01 -10.95 -5.91
N CYS A 190 9.90 -9.64 -6.13
CA CYS A 190 9.50 -8.70 -5.08
C CYS A 190 8.65 -7.59 -5.70
N VAL A 191 8.25 -6.64 -4.85
CA VAL A 191 7.43 -5.50 -5.24
C VAL A 191 8.23 -4.22 -5.00
N LEU A 192 8.38 -3.41 -6.04
CA LEU A 192 9.09 -2.14 -5.97
C LEU A 192 8.35 -1.13 -6.83
N HIS A 193 8.20 0.08 -6.30
CA HIS A 193 7.25 1.07 -6.81
C HIS A 193 5.89 0.40 -6.74
N ASN A 194 5.22 0.13 -7.85
CA ASN A 194 4.05 -0.74 -7.85
C ASN A 194 4.13 -1.75 -8.99
N CYS A 195 5.34 -2.08 -9.39
CA CYS A 195 5.64 -3.14 -10.34
C CYS A 195 6.10 -4.40 -9.62
N ILE A 196 5.66 -5.55 -10.14
CA ILE A 196 6.15 -6.84 -9.63
C ILE A 196 7.48 -7.10 -10.32
N TYR A 197 8.55 -7.09 -9.55
CA TYR A 197 9.85 -7.30 -10.15
C TYR A 197 10.17 -8.79 -10.16
N ALA A 198 10.86 -9.20 -11.22
CA ALA A 198 11.35 -10.56 -11.37
C ALA A 198 12.79 -10.42 -11.82
N ALA A 199 13.73 -10.89 -11.00
CA ALA A 199 15.14 -10.66 -11.27
C ALA A 199 15.87 -11.98 -11.34
N GLY A 200 16.72 -12.11 -12.35
CA GLY A 200 17.51 -13.31 -12.53
C GLY A 200 16.63 -14.53 -12.71
N GLY A 201 17.14 -15.66 -12.23
CA GLY A 201 16.51 -16.95 -12.39
C GLY A 201 17.29 -17.80 -13.36
N TYR A 202 16.65 -18.90 -13.76
CA TYR A 202 17.22 -19.90 -14.64
C TYR A 202 16.17 -20.24 -15.66
N ASP A 203 16.53 -20.18 -16.94
CA ASP A 203 15.57 -20.44 -18.01
C ASP A 203 15.69 -21.83 -18.59
N GLY A 204 16.41 -22.73 -17.91
CA GLY A 204 16.69 -24.05 -18.45
C GLY A 204 18.03 -24.20 -19.13
N GLN A 205 18.69 -23.09 -19.46
CA GLN A 205 20.01 -23.14 -20.09
C GLN A 205 21.05 -22.35 -19.31
N ASP A 206 20.75 -21.11 -18.96
CA ASP A 206 21.70 -20.21 -18.35
C ASP A 206 21.02 -19.50 -17.20
N GLN A 207 21.81 -19.16 -16.18
CA GLN A 207 21.36 -18.18 -15.21
C GLN A 207 21.23 -16.84 -15.91
N LEU A 208 20.31 -16.01 -15.42
CA LEU A 208 19.94 -14.77 -16.08
C LEU A 208 20.40 -13.57 -15.25
N ASN A 209 20.94 -12.57 -15.94
CA ASN A 209 21.17 -11.28 -15.30
C ASN A 209 20.06 -10.28 -15.61
N SER A 210 19.12 -10.62 -16.48
CA SER A 210 18.05 -9.70 -16.86
C SER A 210 17.02 -9.55 -15.74
N VAL A 211 16.31 -8.43 -15.79
CA VAL A 211 15.31 -8.07 -14.76
C VAL A 211 14.14 -7.42 -15.49
N GLU A 212 12.92 -7.69 -15.02
CA GLU A 212 11.73 -7.15 -15.66
C GLU A 212 10.67 -6.96 -14.61
N ARG A 213 9.70 -6.09 -14.92
CA ARG A 213 8.69 -5.68 -13.95
C ARG A 213 7.32 -5.68 -14.61
N TYR A 214 6.31 -6.03 -13.83
CA TYR A 214 4.94 -6.10 -14.27
C TYR A 214 4.20 -4.85 -13.82
N ASP A 215 3.46 -4.23 -14.73
CA ASP A 215 2.58 -3.12 -14.37
C ASP A 215 1.16 -3.62 -14.47
N VAL A 216 0.43 -3.59 -13.34
CA VAL A 216 -0.87 -4.25 -13.28
C VAL A 216 -1.87 -3.55 -14.20
N GLU A 217 -1.90 -2.22 -14.19
CA GLU A 217 -2.90 -1.47 -14.94
C GLU A 217 -2.81 -1.77 -16.44
N THR A 218 -1.61 -1.79 -16.99
CA THR A 218 -1.44 -2.09 -18.42
C THR A 218 -1.21 -3.57 -18.70
N GLU A 219 -1.22 -4.42 -17.67
CA GLU A 219 -0.92 -5.85 -17.78
C GLU A 219 0.31 -6.09 -18.63
N THR A 220 1.38 -5.39 -18.30
CA THR A 220 2.55 -5.33 -19.16
C THR A 220 3.82 -5.61 -18.37
N TRP A 221 4.72 -6.42 -18.96
CA TRP A 221 6.05 -6.66 -18.43
C TRP A 221 7.06 -5.84 -19.22
N THR A 222 7.97 -5.16 -18.51
CA THR A 222 9.01 -4.34 -19.11
C THR A 222 10.37 -4.66 -18.50
N PHE A 223 11.39 -4.80 -19.36
CA PHE A 223 12.75 -5.08 -18.93
C PHE A 223 13.46 -3.82 -18.43
N VAL A 224 14.15 -3.95 -17.30
CA VAL A 224 14.95 -2.86 -16.75
C VAL A 224 16.42 -3.21 -16.84
N ALA A 225 17.26 -2.40 -16.21
CA ALA A 225 18.69 -2.62 -16.27
C ALA A 225 19.02 -3.98 -15.69
N PRO A 226 19.91 -4.76 -16.30
CA PRO A 226 20.24 -6.06 -15.75
C PRO A 226 21.32 -5.93 -14.70
N MET A 227 21.26 -6.82 -13.69
CA MET A 227 22.40 -7.04 -12.83
C MET A 227 23.58 -7.42 -13.73
N LYS A 228 24.81 -7.33 -13.25
CA LYS A 228 25.90 -7.80 -14.08
C LYS A 228 26.50 -9.10 -13.56
N HIS A 229 25.76 -9.83 -12.72
CA HIS A 229 26.02 -11.23 -12.42
C HIS A 229 24.72 -12.00 -12.53
N ARG A 230 24.63 -12.87 -13.56
CA ARG A 230 23.56 -13.86 -13.65
C ARG A 230 23.45 -14.63 -12.35
N ARG A 231 22.21 -14.92 -11.92
CA ARG A 231 22.02 -15.62 -10.66
C ARG A 231 20.60 -16.18 -10.57
N SER A 232 20.51 -17.43 -10.12
CA SER A 232 19.26 -18.05 -9.71
C SER A 232 19.37 -18.50 -8.26
N ALA A 233 18.21 -18.80 -7.65
CA ALA A 233 18.12 -19.22 -6.25
C ALA A 233 18.64 -18.13 -5.32
N LEU A 234 18.47 -16.88 -5.75
CA LEU A 234 18.88 -15.72 -4.98
C LEU A 234 17.81 -15.33 -3.97
N GLY A 235 18.25 -14.72 -2.88
CA GLY A 235 17.36 -13.99 -2.02
C GLY A 235 17.09 -12.61 -2.60
N ILE A 236 15.95 -12.02 -2.21
CA ILE A 236 15.59 -10.72 -2.76
C ILE A 236 14.74 -9.98 -1.75
N THR A 237 15.00 -8.69 -1.63
CA THR A 237 14.10 -7.82 -0.87
C THR A 237 14.39 -6.37 -1.27
N VAL A 238 13.44 -5.50 -0.93
CA VAL A 238 13.58 -4.07 -1.19
C VAL A 238 13.73 -3.37 0.16
N HIS A 239 14.88 -2.71 0.31
CA HIS A 239 15.20 -1.82 1.42
C HIS A 239 15.53 -0.46 0.81
N GLN A 240 15.10 0.62 1.46
CA GLN A 240 15.39 1.98 1.02
C GLN A 240 14.62 2.38 -0.23
N GLY A 241 13.55 1.67 -0.59
CA GLY A 241 13.02 1.81 -1.93
C GLY A 241 14.03 1.41 -2.98
N ARG A 242 14.94 0.50 -2.64
CA ARG A 242 16.03 0.05 -3.50
C ARG A 242 16.06 -1.47 -3.46
N ILE A 243 16.44 -2.08 -4.58
CA ILE A 243 16.40 -3.54 -4.70
C ILE A 243 17.74 -4.10 -4.25
N TYR A 244 17.69 -5.13 -3.39
CA TYR A 244 18.86 -5.88 -3.01
C TYR A 244 18.66 -7.34 -3.36
N VAL A 245 19.64 -7.92 -4.05
CA VAL A 245 19.63 -9.34 -4.36
C VAL A 245 20.86 -9.97 -3.73
N LEU A 246 20.67 -11.17 -3.17
CA LEU A 246 21.57 -11.76 -2.19
C LEU A 246 22.02 -13.12 -2.68
N GLY A 247 23.30 -13.25 -3.00
CA GLY A 247 23.87 -14.55 -3.31
C GLY A 247 23.20 -15.22 -4.50
N GLY A 248 23.04 -16.54 -4.38
CA GLY A 248 22.50 -17.36 -5.42
C GLY A 248 23.57 -18.18 -6.10
N TYR A 249 23.21 -18.74 -7.25
CA TYR A 249 24.09 -19.62 -7.99
C TYR A 249 24.16 -19.13 -9.43
N ASP A 250 25.35 -19.21 -10.03
CA ASP A 250 25.53 -18.74 -11.40
C ASP A 250 25.99 -19.84 -12.34
N GLY A 251 25.92 -21.10 -11.93
CA GLY A 251 26.39 -22.21 -12.71
C GLY A 251 27.74 -22.74 -12.30
N HIS A 252 28.61 -21.88 -11.77
CA HIS A 252 29.92 -22.32 -11.28
C HIS A 252 30.15 -22.01 -9.82
N THR A 253 29.71 -20.85 -9.33
CA THR A 253 30.06 -20.39 -8.00
C THR A 253 28.79 -20.11 -7.19
N PHE A 254 28.90 -20.25 -5.88
CA PHE A 254 27.87 -19.80 -4.95
C PHE A 254 28.17 -18.36 -4.60
N LEU A 255 27.35 -17.45 -5.12
CA LEU A 255 27.68 -16.03 -5.07
C LEU A 255 27.55 -15.49 -3.65
N ASP A 256 28.54 -14.68 -3.26
CA ASP A 256 28.43 -13.82 -2.08
C ASP A 256 28.10 -12.38 -2.45
N SER A 257 28.18 -12.06 -3.74
CA SER A 257 27.80 -10.74 -4.23
C SER A 257 26.40 -10.36 -3.80
N VAL A 258 26.26 -9.14 -3.31
CA VAL A 258 24.96 -8.52 -3.07
C VAL A 258 24.87 -7.28 -3.95
N GLU A 259 23.87 -7.25 -4.82
CA GLU A 259 23.69 -6.17 -5.79
C GLU A 259 22.54 -5.27 -5.39
N CYS A 260 22.60 -4.03 -5.85
CA CYS A 260 21.63 -3.00 -5.51
C CYS A 260 21.16 -2.27 -6.77
N TYR A 261 19.84 -2.26 -6.98
CA TYR A 261 19.22 -1.63 -8.13
C TYR A 261 18.58 -0.32 -7.68
N ASP A 262 19.01 0.78 -8.28
CA ASP A 262 18.35 2.06 -8.04
C ASP A 262 17.32 2.27 -9.13
N PRO A 263 16.03 2.35 -8.81
CA PRO A 263 15.03 2.46 -9.88
C PRO A 263 15.05 3.80 -10.59
N ASP A 264 15.31 4.89 -9.87
CA ASP A 264 15.21 6.22 -10.47
C ASP A 264 16.38 6.55 -11.38
N THR A 265 17.51 5.88 -11.22
CA THR A 265 18.58 5.91 -12.21
C THR A 265 18.63 4.62 -13.03
N ASP A 266 17.87 3.60 -12.65
CA ASP A 266 17.89 2.28 -13.29
C ASP A 266 19.31 1.78 -13.47
N THR A 267 20.02 1.67 -12.34
CA THR A 267 21.38 1.16 -12.33
C THR A 267 21.53 0.13 -11.22
N TRP A 268 22.42 -0.84 -11.44
CA TRP A 268 22.78 -1.82 -10.43
C TRP A 268 24.15 -1.49 -9.86
N SER A 269 24.34 -1.76 -8.57
CA SER A 269 25.66 -1.55 -7.99
C SER A 269 25.87 -2.46 -6.78
N GLU A 270 27.07 -3.02 -6.68
CA GLU A 270 27.44 -3.89 -5.58
C GLU A 270 27.42 -3.14 -4.26
N VAL A 271 26.72 -3.68 -3.26
CA VAL A 271 26.66 -3.04 -1.95
C VAL A 271 27.63 -3.71 -0.99
N THR A 272 27.79 -5.02 -1.11
CA THR A 272 28.58 -5.78 -0.16
C THR A 272 28.87 -7.15 -0.77
N ARG A 273 29.71 -7.92 -0.08
CA ARG A 273 29.83 -9.35 -0.29
C ARG A 273 29.35 -10.05 0.98
N MET A 274 28.57 -11.11 0.81
CA MET A 274 28.07 -11.84 1.97
C MET A 274 29.24 -12.44 2.74
N THR A 275 28.95 -12.82 4.00
CA THR A 275 29.95 -13.49 4.83
C THR A 275 30.51 -14.72 4.13
N SER A 276 29.73 -15.33 3.24
CA SER A 276 30.08 -16.55 2.53
C SER A 276 29.11 -16.69 1.36
N GLY A 277 29.60 -17.21 0.24
CA GLY A 277 28.72 -17.48 -0.89
C GLY A 277 27.71 -18.56 -0.52
N ARG A 278 26.46 -18.35 -0.94
CA ARG A 278 25.40 -19.30 -0.64
C ARG A 278 24.21 -19.05 -1.56
N SER A 279 23.37 -20.09 -1.69
CA SER A 279 22.19 -20.02 -2.54
C SER A 279 20.96 -20.44 -1.75
N GLY A 280 19.80 -20.09 -2.28
CA GLY A 280 18.52 -20.59 -1.78
C GLY A 280 18.16 -20.13 -0.39
N VAL A 281 18.46 -18.88 -0.06
CA VAL A 281 18.11 -18.35 1.26
C VAL A 281 16.67 -17.87 1.28
N GLY A 282 16.13 -17.69 2.48
CA GLY A 282 14.89 -16.97 2.70
C GLY A 282 15.20 -15.60 3.26
N VAL A 283 14.55 -14.57 2.70
CA VAL A 283 14.80 -13.19 3.08
C VAL A 283 13.48 -12.50 3.42
N ALA A 284 13.55 -11.55 4.35
CA ALA A 284 12.45 -10.76 4.89
C ALA A 284 13.02 -9.81 5.92
N VAL A 285 12.24 -8.79 6.30
CA VAL A 285 12.77 -7.67 7.08
C VAL A 285 11.74 -7.18 8.10
N THR A 286 12.21 -6.95 9.32
CA THR A 286 11.36 -6.46 10.42
C THR A 286 12.11 -5.57 11.41
N GLY B 2 -8.10 6.76 22.86
CA GLY B 2 -9.39 7.07 22.26
C GLY B 2 -9.29 8.10 21.16
N ARG B 3 -10.05 7.92 20.08
CA ARG B 3 -9.93 8.76 18.89
C ARG B 3 -11.23 9.49 18.61
N LEU B 4 -11.10 10.72 18.13
CA LEU B 4 -12.25 11.55 17.84
C LEU B 4 -12.25 11.97 16.37
N ILE B 5 -13.43 12.37 15.91
CA ILE B 5 -13.62 12.89 14.57
C ILE B 5 -13.58 14.40 14.64
N TYR B 6 -12.53 14.99 14.08
CA TYR B 6 -12.33 16.43 14.09
C TYR B 6 -12.89 17.04 12.81
N THR B 7 -13.71 18.08 12.95
CA THR B 7 -14.16 18.90 11.82
C THR B 7 -13.60 20.31 12.00
N ALA B 8 -12.93 20.81 10.96
CA ALA B 8 -12.25 22.10 11.02
C ALA B 8 -12.77 22.99 9.90
N GLY B 9 -13.05 24.24 10.23
CA GLY B 9 -13.42 25.20 9.21
C GLY B 9 -14.83 24.96 8.74
N GLY B 10 -15.09 25.31 7.50
CA GLY B 10 -16.41 25.18 6.92
C GLY B 10 -16.99 26.52 6.53
N TYR B 11 -18.23 26.46 6.05
CA TYR B 11 -18.93 27.60 5.49
C TYR B 11 -20.39 27.57 5.91
N PHE B 12 -20.86 28.65 6.50
CA PHE B 12 -22.29 28.87 6.70
C PHE B 12 -22.50 30.38 6.63
N ARG B 13 -22.79 30.86 5.41
CA ARG B 13 -22.95 32.29 5.10
C ARG B 13 -21.64 33.08 5.22
N GLN B 14 -20.59 32.44 5.72
CA GLN B 14 -19.28 33.03 5.90
C GLN B 14 -18.31 31.90 6.22
N SER B 15 -17.02 32.06 5.96
CA SER B 15 -16.07 31.03 6.39
C SER B 15 -15.99 30.96 7.92
N LEU B 16 -15.68 29.76 8.41
CA LEU B 16 -15.78 29.45 9.83
C LEU B 16 -14.41 29.08 10.38
N SER B 17 -14.27 29.27 11.69
CA SER B 17 -13.04 29.01 12.42
C SER B 17 -13.14 27.78 13.31
N TYR B 18 -14.31 27.16 13.40
CA TYR B 18 -14.53 26.12 14.40
C TYR B 18 -13.58 24.94 14.22
N LEU B 19 -13.03 24.47 15.33
CA LEU B 19 -12.49 23.12 15.39
C LEU B 19 -13.29 22.40 16.46
N GLU B 20 -13.94 21.31 16.06
CA GLU B 20 -14.83 20.55 16.93
C GLU B 20 -14.59 19.07 16.68
N ALA B 21 -14.77 18.28 17.71
CA ALA B 21 -14.35 16.89 17.64
C ALA B 21 -15.47 16.02 18.21
N TYR B 22 -15.90 15.05 17.42
CA TYR B 22 -17.05 14.23 17.75
C TYR B 22 -16.60 12.93 18.38
N ASN B 23 -17.27 12.53 19.47
CA ASN B 23 -16.96 11.29 20.16
C ASN B 23 -18.04 10.29 19.82
N PRO B 24 -17.82 9.37 18.87
CA PRO B 24 -18.92 8.52 18.40
C PRO B 24 -19.49 7.60 19.45
N SER B 25 -18.86 7.46 20.61
CA SER B 25 -19.42 6.58 21.64
C SER B 25 -20.22 7.34 22.69
N ASP B 26 -19.80 8.54 23.12
CA ASP B 26 -20.58 9.29 24.11
C ASP B 26 -21.37 10.44 23.50
N GLY B 27 -21.31 10.61 22.17
CA GLY B 27 -22.13 11.54 21.44
C GLY B 27 -21.75 13.00 21.51
N THR B 28 -20.72 13.35 22.30
CA THR B 28 -20.38 14.75 22.55
C THR B 28 -19.62 15.37 21.37
N TRP B 29 -19.85 16.67 21.18
CA TRP B 29 -18.97 17.52 20.38
C TRP B 29 -18.13 18.35 21.33
N LEU B 30 -16.82 18.27 21.18
CA LEU B 30 -15.88 19.08 21.94
C LEU B 30 -15.58 20.34 21.15
N ARG B 31 -15.53 21.47 21.84
CA ARG B 31 -15.12 22.72 21.23
C ARG B 31 -13.65 22.96 21.56
N LEU B 32 -12.83 23.06 20.53
CA LEU B 32 -11.39 23.18 20.66
C LEU B 32 -10.92 24.56 20.17
N ALA B 33 -9.61 24.76 20.13
CA ALA B 33 -9.08 26.03 19.65
C ALA B 33 -9.53 26.34 18.21
N ASP B 34 -10.06 27.56 18.03
CA ASP B 34 -10.38 28.08 16.70
C ASP B 34 -9.18 28.01 15.78
N LEU B 35 -9.44 27.83 14.48
CA LEU B 35 -8.42 28.10 13.46
C LEU B 35 -7.94 29.54 13.57
N GLN B 36 -6.66 29.75 13.23
CA GLN B 36 -6.13 31.11 13.19
C GLN B 36 -6.90 31.99 12.19
N VAL B 37 -7.31 31.41 11.06
CA VAL B 37 -8.05 32.13 10.02
C VAL B 37 -9.28 31.34 9.62
N PRO B 38 -10.46 31.96 9.57
CA PRO B 38 -11.66 31.26 9.05
C PRO B 38 -11.38 30.72 7.65
N ARG B 39 -11.74 29.45 7.42
CA ARG B 39 -11.50 28.82 6.13
C ARG B 39 -12.61 27.86 5.78
N SER B 40 -13.12 27.96 4.56
CA SER B 40 -14.00 26.99 3.95
C SER B 40 -13.30 26.38 2.73
N GLY B 41 -13.64 25.13 2.40
CA GLY B 41 -13.11 24.50 1.21
C GLY B 41 -11.73 23.91 1.38
N LEU B 42 -11.29 23.75 2.62
CA LEU B 42 -10.01 23.19 3.01
C LEU B 42 -10.14 21.68 3.18
N ALA B 43 -9.02 21.02 3.36
CA ALA B 43 -9.06 19.62 3.70
C ALA B 43 -8.36 19.43 5.03
N GLY B 44 -8.61 18.27 5.65
CA GLY B 44 -7.90 17.86 6.84
C GLY B 44 -7.20 16.52 6.63
N CYS B 45 -6.14 16.28 7.39
CA CYS B 45 -5.49 14.98 7.44
C CYS B 45 -4.71 14.95 8.75
N VAL B 46 -4.15 13.78 9.02
CA VAL B 46 -3.42 13.50 10.24
C VAL B 46 -2.11 12.85 9.86
N VAL B 47 -1.01 13.41 10.34
CA VAL B 47 0.31 12.77 10.23
C VAL B 47 0.92 12.77 11.62
N GLY B 48 1.47 11.62 12.03
CA GLY B 48 2.10 11.54 13.34
C GLY B 48 1.24 12.08 14.47
N GLY B 49 -0.04 11.79 14.45
CA GLY B 49 -0.97 12.29 15.46
C GLY B 49 -1.39 13.73 15.34
N LEU B 50 -0.72 14.54 14.52
CA LEU B 50 -1.06 15.95 14.37
C LEU B 50 -2.13 16.15 13.30
N LEU B 51 -3.08 17.04 13.56
CA LEU B 51 -4.15 17.31 12.60
C LEU B 51 -3.71 18.49 11.74
N TYR B 52 -3.78 18.32 10.42
CA TYR B 52 -3.41 19.36 9.47
C TYR B 52 -4.65 19.90 8.76
N ALA B 53 -4.70 21.23 8.63
CA ALA B 53 -5.73 21.96 7.89
C ALA B 53 -5.05 22.58 6.68
N VAL B 54 -5.56 22.30 5.48
CA VAL B 54 -4.81 22.56 4.25
C VAL B 54 -5.68 23.34 3.29
N GLY B 55 -5.18 24.51 2.86
CA GLY B 55 -5.79 25.26 1.78
C GLY B 55 -7.09 25.88 2.20
N GLY B 56 -7.99 26.01 1.24
CA GLY B 56 -9.31 26.54 1.54
C GLY B 56 -9.42 27.98 1.13
N ARG B 57 -10.33 28.73 1.77
CA ARG B 57 -10.55 30.10 1.34
C ARG B 57 -11.18 30.87 2.49
N ASN B 58 -10.77 32.12 2.66
CA ASN B 58 -11.33 32.98 3.72
C ASN B 58 -12.42 33.85 3.08
N ASN B 59 -13.67 33.42 3.22
CA ASN B 59 -14.82 34.23 2.84
C ASN B 59 -15.25 35.03 4.06
N SER B 60 -15.04 36.35 4.01
CA SER B 60 -15.43 37.22 5.10
C SER B 60 -16.22 38.40 4.56
N PRO B 61 -17.08 39.02 5.38
CA PRO B 61 -17.79 40.22 4.93
C PRO B 61 -16.87 41.38 4.56
N ASP B 62 -15.58 41.25 4.80
CA ASP B 62 -14.61 42.32 4.54
C ASP B 62 -13.51 41.89 3.59
N GLY B 63 -13.69 40.79 2.89
CA GLY B 63 -12.66 40.29 1.99
C GLY B 63 -12.83 38.81 1.70
N ASN B 64 -12.37 38.41 0.52
CA ASN B 64 -12.48 37.04 0.04
C ASN B 64 -11.13 36.67 -0.55
N THR B 65 -10.46 35.67 0.03
CA THR B 65 -9.13 35.28 -0.42
C THR B 65 -8.97 33.76 -0.28
N ASP B 66 -8.61 33.11 -1.40
CA ASP B 66 -8.19 31.72 -1.33
C ASP B 66 -6.91 31.62 -0.50
N SER B 67 -6.63 30.43 0.03
CA SER B 67 -5.58 30.30 1.03
C SER B 67 -4.61 29.20 0.60
N SER B 68 -3.32 29.49 0.68
CA SER B 68 -2.27 28.49 0.51
C SER B 68 -1.82 27.85 1.83
N ALA B 69 -2.43 28.20 2.96
CA ALA B 69 -1.82 27.97 4.26
C ALA B 69 -1.99 26.54 4.75
N LEU B 70 -0.93 25.98 5.29
CA LEU B 70 -0.98 24.74 6.05
C LEU B 70 -0.84 25.06 7.54
N ASP B 71 -1.73 24.51 8.36
CA ASP B 71 -1.73 24.76 9.79
C ASP B 71 -1.92 23.44 10.50
N CYS B 72 -1.27 23.33 11.68
CA CYS B 72 -1.13 22.07 12.40
C CYS B 72 -1.69 22.18 13.81
N TYR B 73 -2.55 21.24 14.17
CA TYR B 73 -3.23 21.22 15.46
C TYR B 73 -2.75 20.03 16.27
N ASN B 74 -2.31 20.30 17.50
CA ASN B 74 -1.84 19.25 18.40
C ASN B 74 -2.84 19.00 19.52
N PRO B 75 -3.49 17.84 19.56
CA PRO B 75 -4.47 17.59 20.64
C PRO B 75 -3.86 17.57 22.02
N MET B 76 -2.54 17.37 22.15
CA MET B 76 -1.95 17.39 23.47
C MET B 76 -1.82 18.79 24.03
N THR B 77 -1.63 19.80 23.18
CA THR B 77 -1.56 21.18 23.63
C THR B 77 -2.84 21.96 23.37
N ASN B 78 -3.74 21.43 22.54
CA ASN B 78 -4.90 22.17 22.06
C ASN B 78 -4.48 23.52 21.49
N GLN B 79 -3.41 23.51 20.72
CA GLN B 79 -2.91 24.73 20.08
C GLN B 79 -2.67 24.49 18.59
N TRP B 80 -2.96 25.52 17.79
CA TRP B 80 -2.60 25.56 16.36
C TRP B 80 -1.23 26.22 16.20
N SER B 81 -0.45 25.71 15.25
CA SER B 81 0.77 26.37 14.85
C SER B 81 0.80 26.34 13.33
N PRO B 82 1.31 27.38 12.70
CA PRO B 82 1.43 27.38 11.24
C PRO B 82 2.59 26.52 10.77
N CYS B 83 2.48 26.05 9.52
CA CYS B 83 3.57 25.43 8.78
C CYS B 83 3.92 26.27 7.56
N ALA B 84 4.89 25.79 6.79
CA ALA B 84 5.20 26.46 5.54
C ALA B 84 3.99 26.39 4.62
N PRO B 85 3.70 27.43 3.86
CA PRO B 85 2.53 27.40 2.97
C PRO B 85 2.83 26.72 1.65
N MET B 86 1.76 26.28 1.01
CA MET B 86 1.86 25.72 -0.32
C MET B 86 2.33 26.77 -1.32
N SER B 87 2.68 26.29 -2.52
CA SER B 87 3.16 27.17 -3.57
C SER B 87 2.07 28.11 -4.05
N VAL B 88 0.81 27.67 -4.03
CA VAL B 88 -0.32 28.48 -4.51
C VAL B 88 -1.49 28.27 -3.58
N PRO B 89 -2.39 29.26 -3.50
CA PRO B 89 -3.65 29.06 -2.80
C PRO B 89 -4.49 28.00 -3.49
N ARG B 90 -5.23 27.21 -2.69
CA ARG B 90 -6.01 26.11 -3.23
C ARG B 90 -7.34 26.01 -2.48
N ASN B 91 -8.38 26.59 -3.08
CA ASN B 91 -9.73 26.44 -2.54
C ASN B 91 -10.35 25.17 -3.06
N ARG B 92 -11.15 24.50 -2.22
CA ARG B 92 -11.80 23.25 -2.62
C ARG B 92 -10.75 22.22 -3.07
N ILE B 93 -9.77 22.05 -2.20
CA ILE B 93 -8.61 21.21 -2.37
C ILE B 93 -8.98 19.79 -1.99
N GLY B 94 -8.23 18.82 -2.54
CA GLY B 94 -8.20 17.45 -2.01
C GLY B 94 -6.81 17.15 -1.51
N VAL B 95 -6.70 16.39 -0.43
CA VAL B 95 -5.39 16.00 0.06
C VAL B 95 -5.39 14.52 0.43
N GLY B 96 -4.19 13.95 0.41
CA GLY B 96 -3.98 12.58 0.80
C GLY B 96 -2.62 12.42 1.44
N VAL B 97 -2.50 11.42 2.29
CA VAL B 97 -1.27 11.18 3.04
C VAL B 97 -0.62 9.92 2.49
N ILE B 98 0.62 10.04 2.02
CA ILE B 98 1.43 8.88 1.64
C ILE B 98 2.77 8.93 2.38
N ASP B 99 3.07 7.88 3.12
CA ASP B 99 4.38 7.73 3.79
C ASP B 99 4.70 8.94 4.65
N GLY B 100 3.72 9.36 5.44
CA GLY B 100 3.88 10.55 6.26
C GLY B 100 4.09 11.84 5.50
N HIS B 101 3.84 11.87 4.19
CA HIS B 101 3.90 13.08 3.40
C HIS B 101 2.49 13.45 2.91
N ILE B 102 2.17 14.76 3.00
CA ILE B 102 0.86 15.29 2.63
C ILE B 102 0.90 15.74 1.19
N TYR B 103 0.00 15.21 0.36
CA TYR B 103 -0.11 15.62 -1.03
C TYR B 103 -1.30 16.56 -1.17
N ALA B 104 -1.07 17.76 -1.70
CA ALA B 104 -2.12 18.72 -1.97
C ALA B 104 -2.47 18.68 -3.45
N VAL B 105 -3.77 18.55 -3.76
CA VAL B 105 -4.24 18.21 -5.12
C VAL B 105 -5.27 19.21 -5.59
N GLY B 106 -4.98 19.87 -6.72
CA GLY B 106 -6.00 20.60 -7.45
C GLY B 106 -6.47 21.84 -6.71
N GLY B 107 -7.76 22.09 -6.75
CA GLY B 107 -8.30 23.28 -6.14
C GLY B 107 -8.21 24.43 -7.12
N SER B 108 -8.71 25.58 -6.68
CA SER B 108 -8.69 26.77 -7.51
C SER B 108 -8.01 27.91 -6.77
N HIS B 109 -7.68 28.94 -7.55
CA HIS B 109 -7.19 30.24 -7.08
C HIS B 109 -7.79 31.27 -8.04
N GLY B 110 -8.86 31.92 -7.59
CA GLY B 110 -9.55 32.84 -8.48
C GLY B 110 -10.03 32.09 -9.69
N CYS B 111 -9.66 32.58 -10.88
CA CYS B 111 -10.04 31.94 -12.12
C CYS B 111 -9.14 30.77 -12.48
N ILE B 112 -8.07 30.53 -11.73
CA ILE B 112 -7.15 29.45 -12.05
C ILE B 112 -7.69 28.15 -11.49
N HIS B 113 -7.83 27.15 -12.35
CA HIS B 113 -8.23 25.80 -11.95
C HIS B 113 -7.00 24.90 -12.01
N HIS B 114 -6.57 24.36 -10.87
CA HIS B 114 -5.26 23.73 -10.77
C HIS B 114 -5.28 22.28 -11.26
N ASN B 115 -4.24 21.90 -12.01
CA ASN B 115 -3.86 20.51 -12.09
C ASN B 115 -2.58 20.23 -11.31
N SER B 116 -1.92 21.26 -10.79
CA SER B 116 -0.70 21.07 -10.01
C SER B 116 -0.98 20.25 -8.74
N VAL B 117 0.04 19.49 -8.34
CA VAL B 117 0.05 18.68 -7.13
C VAL B 117 1.35 19.04 -6.42
N GLU B 118 1.32 19.10 -5.10
CA GLU B 118 2.58 19.32 -4.38
C GLU B 118 2.57 18.50 -3.11
N ARG B 119 3.75 18.31 -2.54
CA ARG B 119 3.98 17.35 -1.48
C ARG B 119 4.63 18.05 -0.29
N TYR B 120 4.09 17.80 0.89
CA TYR B 120 4.60 18.41 2.10
C TYR B 120 5.32 17.35 2.90
N GLU B 121 6.51 17.69 3.40
CA GLU B 121 7.32 16.81 4.26
C GLU B 121 7.35 17.37 5.67
N PRO B 122 6.64 16.77 6.62
CA PRO B 122 6.59 17.34 7.97
C PRO B 122 7.93 17.43 8.65
N GLU B 123 8.87 16.54 8.34
CA GLU B 123 10.14 16.57 9.04
C GLU B 123 11.01 17.74 8.63
N ARG B 124 10.80 18.30 7.43
CA ARG B 124 11.57 19.45 7.00
C ARG B 124 10.73 20.70 6.84
N ASP B 125 9.44 20.67 7.15
CA ASP B 125 8.51 21.79 6.91
C ASP B 125 8.77 22.42 5.54
N GLU B 126 8.61 21.58 4.51
CA GLU B 126 8.92 21.93 3.12
C GLU B 126 7.86 21.38 2.19
N TRP B 127 7.51 22.18 1.20
CA TRP B 127 6.62 21.77 0.12
C TRP B 127 7.45 21.67 -1.16
N HIS B 128 7.19 20.62 -1.93
CA HIS B 128 7.84 20.45 -3.22
C HIS B 128 6.80 20.05 -4.26
N LEU B 129 6.81 20.74 -5.39
CA LEU B 129 5.88 20.43 -6.47
C LEU B 129 6.16 19.03 -7.03
N VAL B 130 5.13 18.39 -7.54
CA VAL B 130 5.30 17.11 -8.20
C VAL B 130 4.56 17.13 -9.53
N ALA B 131 4.43 15.95 -10.13
CA ALA B 131 3.85 15.82 -11.46
C ALA B 131 2.39 16.24 -11.41
N PRO B 132 1.93 17.12 -12.28
CA PRO B 132 0.53 17.53 -12.23
C PRO B 132 -0.39 16.46 -12.81
N MET B 133 -1.64 16.53 -12.36
CA MET B 133 -2.69 15.65 -12.81
C MET B 133 -2.87 15.78 -14.32
N LEU B 134 -3.51 14.78 -14.90
CA LEU B 134 -3.89 14.93 -16.30
C LEU B 134 -5.05 15.88 -16.49
N THR B 135 -5.70 16.30 -15.40
CA THR B 135 -6.95 17.05 -15.44
C THR B 135 -6.93 18.17 -14.40
N ARG B 136 -7.46 19.33 -14.77
CA ARG B 136 -7.69 20.38 -13.77
C ARG B 136 -8.91 20.01 -12.95
N ARG B 137 -8.76 20.02 -11.61
CA ARG B 137 -9.81 19.50 -10.73
C ARG B 137 -9.99 20.41 -9.51
N ILE B 138 -11.11 21.10 -9.46
CA ILE B 138 -11.59 21.82 -8.28
C ILE B 138 -12.63 20.94 -7.58
N GLY B 139 -12.70 21.02 -6.26
CA GLY B 139 -13.65 20.17 -5.56
C GLY B 139 -13.38 18.71 -5.78
N VAL B 140 -12.12 18.33 -5.93
CA VAL B 140 -11.70 16.97 -6.22
C VAL B 140 -11.69 16.19 -4.90
N GLY B 141 -12.05 14.90 -4.96
CA GLY B 141 -11.89 14.00 -3.83
C GLY B 141 -10.63 13.14 -4.00
N VAL B 142 -9.98 12.86 -2.87
CA VAL B 142 -8.65 12.26 -2.86
C VAL B 142 -8.63 11.18 -1.81
N ALA B 143 -8.04 10.04 -2.17
CA ALA B 143 -7.90 8.97 -1.20
C ALA B 143 -6.70 8.13 -1.55
N VAL B 144 -6.13 7.49 -0.54
CA VAL B 144 -4.90 6.74 -0.70
C VAL B 144 -5.25 5.27 -0.49
N LEU B 145 -4.97 4.47 -1.51
CA LEU B 145 -5.19 3.03 -1.43
C LEU B 145 -3.87 2.36 -1.72
N ASN B 146 -3.37 1.62 -0.74
CA ASN B 146 -2.10 0.89 -0.81
C ASN B 146 -0.98 1.77 -1.38
N ARG B 147 -0.80 2.92 -0.76
CA ARG B 147 0.26 3.88 -1.09
C ARG B 147 0.16 4.39 -2.52
N LEU B 148 -1.01 4.33 -3.13
CA LEU B 148 -1.24 5.06 -4.34
C LEU B 148 -2.32 6.10 -4.07
N LEU B 149 -2.17 7.27 -4.69
CA LEU B 149 -3.00 8.43 -4.41
C LEU B 149 -3.99 8.67 -5.53
N TYR B 150 -5.29 8.63 -5.22
CA TYR B 150 -6.35 8.80 -6.21
C TYR B 150 -6.98 10.18 -6.11
N ALA B 151 -7.30 10.72 -7.28
CA ALA B 151 -8.01 11.98 -7.42
C ALA B 151 -9.28 11.67 -8.18
N VAL B 152 -10.43 12.04 -7.61
CA VAL B 152 -11.72 11.51 -8.02
C VAL B 152 -12.70 12.65 -8.29
N GLY B 153 -13.22 12.73 -9.53
CA GLY B 153 -14.23 13.75 -9.83
C GLY B 153 -13.72 15.19 -9.82
N GLY B 154 -14.58 16.10 -9.39
CA GLY B 154 -14.25 17.52 -9.38
C GLY B 154 -14.88 18.33 -10.50
N PHE B 155 -14.31 19.51 -10.73
CA PHE B 155 -14.83 20.53 -11.63
C PHE B 155 -13.65 21.14 -12.35
N ASP B 156 -13.64 21.10 -13.67
CA ASP B 156 -12.45 21.59 -14.37
C ASP B 156 -12.56 23.07 -14.74
N GLY B 157 -13.58 23.75 -14.25
CA GLY B 157 -13.88 25.11 -14.62
C GLY B 157 -14.97 25.22 -15.66
N THR B 158 -15.16 24.18 -16.46
CA THR B 158 -16.24 24.22 -17.42
C THR B 158 -17.19 23.05 -17.25
N ASN B 159 -16.65 21.85 -17.03
CA ASN B 159 -17.45 20.65 -16.87
C ASN B 159 -17.13 20.04 -15.52
N ARG B 160 -18.12 19.37 -14.95
CA ARG B 160 -17.89 18.50 -13.81
C ARG B 160 -17.55 17.07 -14.28
N LEU B 161 -16.82 16.35 -13.43
CA LEU B 161 -16.09 15.16 -13.87
C LEU B 161 -16.58 13.91 -13.16
N ASN B 162 -16.65 12.80 -13.90
CA ASN B 162 -16.71 11.47 -13.30
C ASN B 162 -15.40 10.73 -13.48
N SER B 163 -14.42 11.35 -14.13
CA SER B 163 -13.13 10.69 -14.33
C SER B 163 -12.38 10.58 -13.02
N ALA B 164 -11.49 9.58 -12.97
CA ALA B 164 -10.55 9.40 -11.86
C ALA B 164 -9.18 9.05 -12.43
N GLU B 165 -8.14 9.51 -11.75
CA GLU B 165 -6.76 9.20 -12.14
C GLU B 165 -5.95 8.85 -10.91
N CYS B 166 -4.78 8.25 -11.14
CA CYS B 166 -4.01 7.61 -10.08
C CYS B 166 -2.58 8.11 -10.14
N TYR B 167 -1.98 8.36 -8.98
CA TYR B 167 -0.62 8.91 -8.91
C TYR B 167 0.33 7.89 -8.30
N TYR B 168 1.39 7.58 -9.03
CA TYR B 168 2.41 6.65 -8.54
C TYR B 168 3.53 7.44 -7.85
N PRO B 169 3.65 7.39 -6.52
CA PRO B 169 4.51 8.35 -5.83
C PRO B 169 6.00 8.23 -6.13
N GLU B 170 6.52 7.01 -6.27
CA GLU B 170 7.94 6.84 -6.53
C GLU B 170 8.27 6.82 -8.02
N ARG B 171 7.27 6.62 -8.88
CA ARG B 171 7.44 6.83 -10.31
C ARG B 171 7.08 8.27 -10.71
N ASN B 172 6.42 8.99 -9.81
CA ASN B 172 6.04 10.39 -10.00
C ASN B 172 5.32 10.61 -11.33
N GLU B 173 4.22 9.89 -11.52
CA GLU B 173 3.40 10.08 -12.71
C GLU B 173 1.95 9.78 -12.39
N TRP B 174 1.06 10.30 -13.23
CA TRP B 174 -0.37 10.14 -13.09
C TRP B 174 -0.90 9.26 -14.21
N ARG B 175 -1.81 8.35 -13.88
CA ARG B 175 -2.46 7.52 -14.88
C ARG B 175 -3.96 7.54 -14.68
N MET B 176 -4.71 7.75 -15.76
CA MET B 176 -6.16 7.70 -15.71
C MET B 176 -6.62 6.28 -15.38
N ILE B 177 -7.66 6.18 -14.56
CA ILE B 177 -8.24 4.88 -14.25
C ILE B 177 -9.68 4.88 -14.74
N THR B 178 -10.40 3.80 -14.44
CA THR B 178 -11.82 3.71 -14.78
C THR B 178 -12.59 4.84 -14.11
N ALA B 179 -13.45 5.47 -14.87
CA ALA B 179 -14.25 6.57 -14.37
C ALA B 179 -15.40 6.04 -13.53
N MET B 180 -15.89 6.90 -12.64
CA MET B 180 -17.05 6.60 -11.83
C MET B 180 -18.28 6.44 -12.71
N ASN B 181 -19.33 5.85 -12.14
CA ASN B 181 -20.61 5.83 -12.83
C ASN B 181 -21.23 7.23 -12.91
N THR B 182 -20.96 8.08 -11.93
CA THR B 182 -21.69 9.33 -11.76
C THR B 182 -20.74 10.52 -11.70
N ILE B 183 -21.04 11.56 -12.45
CA ILE B 183 -20.29 12.81 -12.34
C ILE B 183 -20.48 13.42 -10.95
N ARG B 184 -19.38 13.89 -10.36
CA ARG B 184 -19.39 14.34 -8.97
C ARG B 184 -18.31 15.38 -8.73
N SER B 185 -18.71 16.58 -8.33
CA SER B 185 -17.80 17.56 -7.77
CA SER B 185 -17.81 17.58 -7.77
C SER B 185 -18.16 17.78 -6.31
N GLY B 186 -17.17 18.01 -5.47
CA GLY B 186 -17.45 18.22 -4.05
C GLY B 186 -18.02 16.99 -3.35
N ALA B 187 -17.67 15.82 -3.82
CA ALA B 187 -18.06 14.59 -3.17
C ALA B 187 -17.12 14.31 -2.00
N GLY B 188 -17.52 13.38 -1.14
CA GLY B 188 -16.64 12.86 -0.11
C GLY B 188 -16.03 11.56 -0.58
N VAL B 189 -14.70 11.52 -0.62
CA VAL B 189 -13.95 10.36 -1.06
C VAL B 189 -13.06 9.89 0.09
N CYS B 190 -13.13 8.60 0.41
CA CYS B 190 -12.26 8.03 1.42
C CYS B 190 -11.98 6.59 1.04
N VAL B 191 -11.13 5.94 1.83
CA VAL B 191 -10.82 4.53 1.66
C VAL B 191 -11.31 3.77 2.88
N LEU B 192 -11.94 2.63 2.65
CA LEU B 192 -12.41 1.77 3.71
C LEU B 192 -12.34 0.33 3.23
N HIS B 193 -11.73 -0.55 4.04
CA HIS B 193 -11.70 -1.99 3.76
C HIS B 193 -11.25 -2.29 2.32
N ASN B 194 -10.17 -1.65 1.89
CA ASN B 194 -9.52 -1.94 0.61
C ASN B 194 -10.29 -1.43 -0.62
N CYS B 195 -11.18 -0.47 -0.45
CA CYS B 195 -11.91 0.16 -1.55
C CYS B 195 -11.99 1.67 -1.37
N ILE B 196 -12.03 2.38 -2.48
CA ILE B 196 -12.28 3.82 -2.47
C ILE B 196 -13.77 4.05 -2.54
N TYR B 197 -14.28 4.87 -1.62
CA TYR B 197 -15.67 5.29 -1.67
C TYR B 197 -15.75 6.74 -2.13
N ALA B 198 -16.80 7.03 -2.90
CA ALA B 198 -17.13 8.40 -3.29
C ALA B 198 -18.61 8.55 -3.00
N ALA B 199 -18.95 9.57 -2.19
CA ALA B 199 -20.29 9.73 -1.66
C ALA B 199 -20.77 11.13 -2.00
N GLY B 200 -22.00 11.23 -2.52
CA GLY B 200 -22.59 12.52 -2.79
C GLY B 200 -21.80 13.35 -3.80
N GLY B 201 -21.75 14.66 -3.56
CA GLY B 201 -21.21 15.56 -4.55
C GLY B 201 -22.30 16.22 -5.38
N TYR B 202 -21.86 16.90 -6.45
CA TYR B 202 -22.71 17.75 -7.28
C TYR B 202 -22.36 17.50 -8.75
N ASP B 203 -23.37 17.24 -9.58
CA ASP B 203 -23.15 16.94 -10.98
C ASP B 203 -23.47 18.13 -11.89
N GLY B 204 -23.72 19.31 -11.33
CA GLY B 204 -24.11 20.46 -12.12
C GLY B 204 -25.60 20.62 -12.27
N GLN B 205 -26.37 19.71 -11.80
CA GLN B 205 -27.80 19.87 -11.79
C GLN B 205 -28.39 19.52 -10.43
N ASP B 206 -27.93 18.44 -9.80
CA ASP B 206 -28.46 17.98 -8.53
C ASP B 206 -27.35 17.73 -7.52
N GLN B 207 -27.64 17.94 -6.23
CA GLN B 207 -26.80 17.33 -5.21
C GLN B 207 -27.17 15.84 -5.11
N LEU B 208 -26.18 15.01 -4.79
CA LEU B 208 -26.31 13.56 -4.92
C LEU B 208 -26.32 12.89 -3.56
N ASN B 209 -27.18 11.87 -3.41
CA ASN B 209 -27.09 10.99 -2.26
C ASN B 209 -26.42 9.67 -2.60
N SER B 210 -26.22 9.40 -3.88
CA SER B 210 -25.68 8.12 -4.32
C SER B 210 -24.23 7.95 -3.87
N VAL B 211 -23.85 6.70 -3.63
CA VAL B 211 -22.53 6.36 -3.13
C VAL B 211 -22.02 5.18 -3.93
N GLU B 212 -20.78 5.27 -4.41
CA GLU B 212 -20.20 4.16 -5.15
C GLU B 212 -18.76 3.94 -4.71
N ARG B 213 -18.31 2.72 -4.97
CA ARG B 213 -17.12 2.16 -4.36
C ARG B 213 -16.23 1.58 -5.46
N TYR B 214 -14.96 1.93 -5.45
CA TYR B 214 -13.99 1.44 -6.41
C TYR B 214 -13.25 0.24 -5.84
N ASP B 215 -13.18 -0.82 -6.64
CA ASP B 215 -12.45 -2.03 -6.31
C ASP B 215 -11.23 -2.10 -7.22
N VAL B 216 -10.03 -2.06 -6.64
CA VAL B 216 -8.83 -2.15 -7.48
C VAL B 216 -8.67 -3.53 -8.09
N GLU B 217 -9.16 -4.58 -7.42
CA GLU B 217 -9.03 -5.92 -7.98
C GLU B 217 -9.81 -6.05 -9.29
N THR B 218 -11.01 -5.46 -9.36
CA THR B 218 -11.78 -5.49 -10.59
C THR B 218 -11.69 -4.19 -11.37
N GLU B 219 -10.92 -3.22 -10.89
CA GLU B 219 -10.84 -1.88 -11.45
C GLU B 219 -12.22 -1.38 -11.92
N THR B 220 -13.19 -1.46 -11.01
CA THR B 220 -14.60 -1.22 -11.31
C THR B 220 -15.26 -0.47 -10.16
N TRP B 221 -16.19 0.44 -10.49
CA TRP B 221 -17.00 1.17 -9.52
C TRP B 221 -18.35 0.51 -9.42
N THR B 222 -18.80 0.27 -8.19
CA THR B 222 -20.09 -0.35 -7.91
C THR B 222 -20.90 0.57 -7.00
N PHE B 223 -22.15 0.78 -7.33
CA PHE B 223 -23.02 1.54 -6.46
C PHE B 223 -23.22 0.75 -5.18
N VAL B 224 -23.27 1.45 -4.04
CA VAL B 224 -23.74 0.83 -2.80
C VAL B 224 -24.96 1.62 -2.31
N ALA B 225 -25.38 1.38 -1.07
CA ALA B 225 -26.52 2.08 -0.48
C ALA B 225 -26.33 3.60 -0.53
N PRO B 226 -27.38 4.38 -0.81
CA PRO B 226 -27.22 5.82 -0.84
C PRO B 226 -27.45 6.42 0.53
N MET B 227 -26.88 7.61 0.71
CA MET B 227 -27.06 8.36 1.93
C MET B 227 -28.53 8.74 2.08
N LYS B 228 -28.94 9.00 3.31
CA LYS B 228 -30.29 9.55 3.48
C LYS B 228 -30.40 10.95 2.91
N HIS B 229 -29.33 11.74 2.93
CA HIS B 229 -29.42 13.13 2.49
C HIS B 229 -28.46 13.39 1.34
N ARG B 230 -29.01 13.89 0.24
CA ARG B 230 -28.19 14.46 -0.82
C ARG B 230 -27.36 15.59 -0.23
N ARG B 231 -26.08 15.63 -0.63
CA ARG B 231 -25.23 16.66 -0.09
C ARG B 231 -24.00 16.81 -0.97
N SER B 232 -23.63 18.05 -1.22
CA SER B 232 -22.37 18.40 -1.86
C SER B 232 -21.48 19.17 -0.89
N ALA B 233 -20.16 19.02 -1.07
CA ALA B 233 -19.16 19.68 -0.23
C ALA B 233 -19.29 19.20 1.20
N LEU B 234 -19.48 17.90 1.33
CA LEU B 234 -19.55 17.24 2.62
C LEU B 234 -18.14 16.97 3.15
N GLY B 235 -18.05 16.74 4.44
CA GLY B 235 -16.84 16.20 5.03
C GLY B 235 -17.03 14.71 5.20
N ILE B 236 -15.91 13.98 5.17
CA ILE B 236 -15.95 12.52 5.21
C ILE B 236 -14.72 12.03 5.92
N THR B 237 -14.86 10.92 6.62
CA THR B 237 -13.71 10.23 7.18
C THR B 237 -14.12 8.82 7.57
N VAL B 238 -13.13 8.06 7.98
CA VAL B 238 -13.34 6.69 8.42
C VAL B 238 -12.95 6.65 9.88
N HIS B 239 -13.86 6.15 10.72
CA HIS B 239 -13.58 5.92 12.13
C HIS B 239 -14.05 4.51 12.49
N GLN B 240 -13.11 3.65 12.88
CA GLN B 240 -13.40 2.30 13.38
C GLN B 240 -14.23 1.48 12.39
N GLY B 241 -13.71 1.35 11.18
CA GLY B 241 -14.37 0.55 10.17
C GLY B 241 -15.68 1.09 9.62
N ARG B 242 -16.02 2.36 9.88
CA ARG B 242 -17.25 2.94 9.36
C ARG B 242 -16.97 4.30 8.72
N ILE B 243 -17.77 4.64 7.71
CA ILE B 243 -17.67 5.92 7.04
C ILE B 243 -18.56 6.93 7.76
N TYR B 244 -18.03 8.13 8.01
CA TYR B 244 -18.79 9.25 8.55
C TYR B 244 -18.79 10.38 7.54
N VAL B 245 -19.97 10.89 7.17
CA VAL B 245 -20.07 12.08 6.34
C VAL B 245 -20.72 13.19 7.15
N LEU B 246 -20.16 14.39 7.04
CA LEU B 246 -20.55 15.50 7.91
C LEU B 246 -21.04 16.66 7.07
N GLY B 247 -22.28 17.09 7.33
CA GLY B 247 -22.71 18.36 6.80
C GLY B 247 -22.75 18.35 5.27
N GLY B 248 -22.55 19.53 4.69
CA GLY B 248 -22.69 19.70 3.26
C GLY B 248 -23.86 20.60 2.92
N TYR B 249 -24.18 20.64 1.64
CA TYR B 249 -25.14 21.58 1.08
C TYR B 249 -26.03 20.80 0.15
N ASP B 250 -27.36 20.96 0.31
CA ASP B 250 -28.30 20.15 -0.46
C ASP B 250 -29.10 20.97 -1.48
N GLY B 251 -28.55 22.07 -1.95
CA GLY B 251 -29.28 23.01 -2.78
C GLY B 251 -30.06 24.06 -2.03
N HIS B 252 -30.55 23.74 -0.82
CA HIS B 252 -31.37 24.68 -0.06
C HIS B 252 -30.83 25.01 1.31
N THR B 253 -30.14 24.10 1.97
CA THR B 253 -29.73 24.28 3.37
C THR B 253 -28.27 23.86 3.54
N PHE B 254 -27.61 24.49 4.49
CA PHE B 254 -26.33 24.00 4.98
C PHE B 254 -26.61 23.00 6.11
N LEU B 255 -26.36 21.72 5.82
CA LEU B 255 -26.77 20.63 6.69
C LEU B 255 -25.89 20.52 7.92
N ASP B 256 -26.47 20.07 9.03
CA ASP B 256 -25.71 19.68 10.20
C ASP B 256 -25.76 18.17 10.43
N SER B 257 -26.48 17.46 9.57
CA SER B 257 -26.65 16.02 9.66
C SER B 257 -25.32 15.30 9.53
N VAL B 258 -25.08 14.34 10.42
CA VAL B 258 -23.94 13.43 10.30
C VAL B 258 -24.50 12.03 10.10
N GLU B 259 -24.02 11.35 9.05
CA GLU B 259 -24.46 10.02 8.67
C GLU B 259 -23.30 9.04 8.75
N CYS B 260 -23.63 7.79 9.06
CA CYS B 260 -22.61 6.79 9.31
C CYS B 260 -22.92 5.58 8.43
N TYR B 261 -21.90 5.06 7.77
CA TYR B 261 -22.10 3.93 6.86
C TYR B 261 -21.45 2.68 7.44
N ASP B 262 -22.27 1.65 7.70
CA ASP B 262 -21.78 0.33 8.08
C ASP B 262 -21.66 -0.52 6.83
N PRO B 263 -20.45 -0.92 6.42
CA PRO B 263 -20.33 -1.75 5.21
C PRO B 263 -20.79 -3.17 5.43
N ASP B 264 -20.72 -3.68 6.66
CA ASP B 264 -21.19 -5.04 6.93
C ASP B 264 -22.68 -5.18 6.66
N THR B 265 -23.47 -4.14 6.91
CA THR B 265 -24.89 -4.15 6.60
C THR B 265 -25.26 -3.33 5.37
N ASP B 266 -24.30 -2.65 4.75
CA ASP B 266 -24.60 -1.74 3.64
C ASP B 266 -25.77 -0.81 3.99
N THR B 267 -25.69 -0.16 5.15
CA THR B 267 -26.74 0.78 5.52
C THR B 267 -26.16 2.06 6.09
N TRP B 268 -26.88 3.14 5.88
CA TRP B 268 -26.56 4.45 6.43
C TRP B 268 -27.53 4.76 7.56
N SER B 269 -27.03 5.42 8.60
CA SER B 269 -27.91 5.90 9.65
C SER B 269 -27.41 7.24 10.16
N GLU B 270 -28.33 8.13 10.47
CA GLU B 270 -27.96 9.40 11.07
C GLU B 270 -27.55 9.15 12.52
N VAL B 271 -26.35 9.63 12.89
CA VAL B 271 -25.84 9.37 14.23
C VAL B 271 -25.86 10.63 15.11
N THR B 272 -25.74 11.82 14.55
CA THR B 272 -25.63 13.03 15.35
C THR B 272 -25.94 14.23 14.45
N ARG B 273 -26.00 15.39 15.08
CA ARG B 273 -26.05 16.66 14.37
C ARG B 273 -24.89 17.52 14.86
N MET B 274 -24.21 18.19 13.93
CA MET B 274 -23.17 19.15 14.32
C MET B 274 -23.79 20.34 15.06
N THR B 275 -22.93 21.11 15.75
CA THR B 275 -23.45 22.25 16.48
C THR B 275 -24.10 23.28 15.55
N SER B 276 -23.75 23.28 14.26
CA SER B 276 -24.44 24.13 13.30
C SER B 276 -24.12 23.65 11.90
N GLY B 277 -25.09 23.81 11.00
CA GLY B 277 -24.90 23.37 9.62
C GLY B 277 -23.75 24.11 8.96
N ARG B 278 -23.01 23.41 8.12
CA ARG B 278 -21.91 24.02 7.39
C ARG B 278 -21.52 23.07 6.26
N SER B 279 -20.82 23.59 5.24
CA SER B 279 -20.26 22.77 4.17
C SER B 279 -18.79 23.10 4.03
N GLY B 280 -18.11 22.34 3.16
CA GLY B 280 -16.69 22.60 2.93
C GLY B 280 -15.82 22.50 4.16
N VAL B 281 -16.08 21.54 5.05
CA VAL B 281 -15.23 21.33 6.22
C VAL B 281 -14.00 20.52 5.84
N GLY B 282 -12.99 20.55 6.71
CA GLY B 282 -11.91 19.59 6.70
C GLY B 282 -12.12 18.63 7.87
N VAL B 283 -12.03 17.34 7.58
CA VAL B 283 -12.31 16.31 8.58
C VAL B 283 -11.20 15.27 8.60
N ALA B 284 -10.83 14.82 9.81
CA ALA B 284 -9.89 13.72 10.01
C ALA B 284 -10.01 13.19 11.44
N VAL B 285 -9.32 12.07 11.69
CA VAL B 285 -9.45 11.32 12.94
C VAL B 285 -8.11 11.33 13.65
N THR B 286 -8.10 11.69 14.93
CA THR B 286 -6.87 11.53 15.71
C THR B 286 -7.24 11.52 17.19
N MET B 287 -6.24 11.21 18.02
CA MET B 287 -6.46 11.02 19.45
C MET B 287 -7.20 12.20 20.07
N GLU B 288 -8.04 11.90 21.05
CA GLU B 288 -8.77 12.93 21.77
C GLU B 288 -7.79 13.90 22.46
N PRO B 289 -8.20 15.13 22.74
CA PRO B 289 -7.26 16.08 23.34
C PRO B 289 -7.04 15.80 24.83
N SER B 290 -6.02 16.46 25.37
CA SER B 290 -5.69 16.32 26.79
C SER B 290 -6.64 17.12 27.66
N ARG B 291 -6.62 18.44 27.48
CA ARG B 291 -7.20 19.47 28.38
C ARG B 291 -7.75 18.95 29.71
N ASP C 2 19.54 -29.83 -8.64
CA ASP C 2 18.94 -28.65 -9.24
C ASP C 2 20.08 -27.74 -9.70
N PRO C 3 20.15 -27.47 -11.00
CA PRO C 3 21.13 -26.51 -11.51
C PRO C 3 20.73 -25.06 -11.28
N GLU C 4 19.52 -24.83 -10.78
CA GLU C 4 19.16 -23.47 -10.40
C GLU C 4 19.71 -23.10 -9.04
N THR C 5 19.91 -24.09 -8.17
CA THR C 5 20.36 -23.85 -6.81
C THR C 5 21.79 -24.33 -6.55
N GLY C 6 22.34 -25.11 -7.46
CA GLY C 6 23.68 -25.65 -7.28
C GLY C 6 23.85 -26.72 -6.23
N GLU C 7 22.78 -27.23 -5.62
CA GLU C 7 22.94 -28.24 -4.57
C GLU C 7 22.64 -29.64 -5.18
#